data_8V9H
#
_entry.id   8V9H
#
_cell.length_a   76.727
_cell.length_b   80.381
_cell.length_c   87.706
_cell.angle_alpha   90.00
_cell.angle_beta   90.00
_cell.angle_gamma   90.00
#
_symmetry.space_group_name_H-M   'P 21 21 21'
#
loop_
_entity.id
_entity.type
_entity.pdbx_description
1 polymer beta-lactamase
2 non-polymer '(5R)-3-{[(3S,5S)-5-(dimethylcarbamoyl)pyrrolidin-3-yl]sulfanyl}-5-[(2S,3R)-3-hydroxy-1-oxobutan-2-yl]-5-methyl-4,5-dihydro-1H-pyrrole-2-carboxylic acid'
3 non-polymer 1,2-ETHANEDIOL
4 non-polymer 'IODIDE ION'
5 non-polymer 'CALCIUM ION'
6 non-polymer 'CHLORIDE ION'
7 water water
#
_entity_poly.entity_id   1
_entity_poly.type   'polypeptide(L)'
_entity_poly.pdbx_seq_one_letter_code
;MRFIHALLLAGIAHSAYASEKLTFKTDLEKLEREKAAQIGVAIVDPQGEIVAGHRMAQRFAMCSTFKFPLAALVFERIDS
GTERGDRKLSYGPDMIVEWSPATERFLASGHMTVLEAAQAAVQLSDNGATNLLLREIGGPAAMTQYFRKIGDSVSRLDRK
EPEMSDNTPGDLRDTTTPIAMARTVAKVLYGGALTSTSTHTIERWLIGNQTGDATLRAGFPKDWVVGEKTGTCANGGRND
IGFFKAQERDYAVAVYTTAPKLSAVERDELVASVGQVITQLILSTDK
;
_entity_poly.pdbx_strand_id   A,B
#
# COMPACT_ATOMS: atom_id res chain seq x y z
N GLU A 20 -8.77 22.78 -31.79
CA GLU A 20 -8.59 22.10 -30.51
C GLU A 20 -7.15 21.60 -30.35
N LYS A 21 -6.53 21.14 -31.44
CA LYS A 21 -5.12 20.77 -31.35
C LYS A 21 -4.24 22.01 -31.22
N LEU A 22 -4.65 23.13 -31.84
CA LEU A 22 -3.88 24.36 -31.68
C LEU A 22 -4.01 24.90 -30.26
N THR A 23 -5.22 24.83 -29.68
CA THR A 23 -5.39 25.21 -28.28
C THR A 23 -4.53 24.36 -27.37
N PHE A 24 -4.49 23.05 -27.64
CA PHE A 24 -3.66 22.12 -26.86
C PHE A 24 -2.20 22.54 -26.92
N LYS A 25 -1.68 22.78 -28.13
CA LYS A 25 -0.29 23.22 -28.28
C LYS A 25 -0.07 24.56 -27.59
N THR A 26 -0.97 25.52 -27.82
CA THR A 26 -0.79 26.86 -27.28
C THR A 26 -0.79 26.84 -25.76
N ASP A 27 -1.70 26.08 -25.15
CA ASP A 27 -1.76 26.08 -23.69
C ASP A 27 -0.57 25.35 -23.07
N LEU A 28 -0.06 24.30 -23.73
CA LEU A 28 1.16 23.67 -23.21
C LEU A 28 2.35 24.61 -23.33
N GLU A 29 2.47 25.34 -24.44
CA GLU A 29 3.60 26.25 -24.58
C GLU A 29 3.52 27.43 -23.62
N LYS A 30 2.31 27.84 -23.23
CA LYS A 30 2.19 28.86 -22.18
C LYS A 30 2.71 28.34 -20.85
N LEU A 31 2.36 27.10 -20.49
CA LEU A 31 2.92 26.49 -19.28
C LEU A 31 4.43 26.40 -19.36
N GLU A 32 4.96 25.93 -20.50
CA GLU A 32 6.41 25.84 -20.69
C GLU A 32 7.07 27.19 -20.48
N ARG A 33 6.51 28.25 -21.08
CA ARG A 33 7.11 29.57 -21.00
C ARG A 33 7.06 30.11 -19.57
N GLU A 34 5.90 30.00 -18.93
CA GLU A 34 5.75 30.64 -17.63
C GLU A 34 6.41 29.86 -16.52
N LYS A 35 6.57 28.54 -16.69
CA LYS A 35 7.18 27.71 -15.67
C LYS A 35 8.64 27.36 -15.97
N ALA A 36 9.20 27.88 -17.07
CA ALA A 36 10.54 27.52 -17.53
C ALA A 36 10.71 26.01 -17.58
N ALA A 37 9.80 25.36 -18.31
CA ALA A 37 9.70 23.91 -18.33
C ALA A 37 9.62 23.40 -19.75
N GLN A 38 9.96 22.12 -19.91
CA GLN A 38 9.69 21.38 -21.13
C GLN A 38 8.68 20.30 -20.81
N ILE A 39 7.68 20.15 -21.66
CA ILE A 39 6.55 19.27 -21.42
C ILE A 39 6.43 18.36 -22.64
N GLY A 40 6.67 17.06 -22.43
CA GLY A 40 6.44 16.07 -23.48
C GLY A 40 5.18 15.28 -23.19
N VAL A 41 4.29 15.22 -24.17
CA VAL A 41 3.02 14.54 -24.01
C VAL A 41 2.74 13.70 -25.25
N ALA A 42 2.21 12.51 -25.04
CA ALA A 42 1.59 11.78 -26.13
C ALA A 42 0.33 11.10 -25.61
N ILE A 43 -0.76 11.22 -26.37
CA ILE A 43 -2.01 10.51 -26.12
C ILE A 43 -2.28 9.65 -27.34
N VAL A 44 -2.52 8.35 -27.12
CA VAL A 44 -2.82 7.45 -28.22
C VAL A 44 -4.09 6.67 -27.90
N ASP A 45 -4.73 6.16 -28.95
CA ASP A 45 -5.91 5.32 -28.79
C ASP A 45 -5.43 3.90 -28.49
N PRO A 46 -6.33 2.93 -28.28
CA PRO A 46 -5.88 1.60 -27.87
C PRO A 46 -4.99 0.90 -28.87
N GLN A 47 -5.02 1.29 -30.15
CA GLN A 47 -4.19 0.71 -31.19
C GLN A 47 -2.89 1.47 -31.39
N GLY A 48 -2.65 2.50 -30.60
CA GLY A 48 -1.43 3.27 -30.71
C GLY A 48 -1.50 4.43 -31.67
N GLU A 49 -2.67 4.71 -32.26
CA GLU A 49 -2.80 5.85 -33.16
C GLU A 49 -2.82 7.15 -32.37
N ILE A 50 -2.16 8.17 -32.91
CA ILE A 50 -1.94 9.41 -32.18
C ILE A 50 -3.24 10.19 -32.06
N VAL A 51 -3.59 10.55 -30.84
CA VAL A 51 -4.68 11.48 -30.57
C VAL A 51 -4.16 12.91 -30.47
N ALA A 52 -3.07 13.11 -29.73
CA ALA A 52 -2.47 14.44 -29.60
C ALA A 52 -1.09 14.29 -29.00
N GLY A 53 -0.26 15.30 -29.18
CA GLY A 53 1.03 15.26 -28.51
C GLY A 53 1.80 16.55 -28.63
N HIS A 54 2.91 16.57 -27.90
CA HIS A 54 3.76 17.75 -27.78
C HIS A 54 5.16 17.27 -27.43
N ARG A 55 6.17 17.70 -28.19
CA ARG A 55 7.54 17.18 -28.03
C ARG A 55 7.51 15.65 -27.98
N MET A 56 6.65 15.05 -28.80
CA MET A 56 6.32 13.64 -28.57
C MET A 56 7.46 12.69 -28.87
N ALA A 57 8.44 13.10 -29.67
CA ALA A 57 9.60 12.27 -29.97
C ALA A 57 10.89 12.84 -29.39
N GLN A 58 10.77 13.76 -28.43
CA GLN A 58 11.94 14.20 -27.67
C GLN A 58 12.22 13.19 -26.57
N ARG A 59 13.48 12.85 -26.37
CA ARG A 59 13.84 11.91 -25.31
C ARG A 59 13.77 12.57 -23.95
N PHE A 60 13.20 11.85 -22.97
CA PHE A 60 13.17 12.27 -21.56
C PHE A 60 13.61 11.08 -20.72
N ALA A 61 14.20 11.38 -19.56
CA ALA A 61 14.50 10.31 -18.61
C ALA A 61 13.22 9.64 -18.14
N MET A 62 13.18 8.30 -18.16
CA MET A 62 11.93 7.71 -17.66
C MET A 62 11.82 7.69 -16.16
N CYS A 63 12.95 7.70 -15.45
CA CYS A 63 13.01 7.50 -13.99
CA CYS A 63 12.94 7.59 -13.99
C CYS A 63 11.99 6.45 -13.56
N SER A 64 11.18 6.68 -12.52
CA SER A 64 10.41 5.56 -11.97
C SER A 64 9.29 5.07 -12.89
N THR A 65 8.98 5.78 -13.97
CA THR A 65 7.88 5.30 -14.81
C THR A 65 8.18 3.95 -15.44
N PHE A 66 9.46 3.55 -15.54
CA PHE A 66 9.75 2.27 -16.17
C PHE A 66 9.26 1.12 -15.31
N LYS A 67 8.94 1.37 -14.05
CA LYS A 67 8.48 0.28 -13.18
C LYS A 67 7.17 -0.31 -13.66
N PHE A 68 6.37 0.44 -14.42
CA PHE A 68 5.16 -0.17 -14.99
C PHE A 68 5.51 -1.17 -16.09
N PRO A 69 6.33 -0.85 -17.11
CA PRO A 69 6.77 -1.90 -18.03
C PRO A 69 7.52 -3.04 -17.35
N LEU A 70 8.26 -2.76 -16.26
CA LEU A 70 8.91 -3.84 -15.52
C LEU A 70 7.87 -4.81 -14.98
N ALA A 71 6.78 -4.29 -14.42
CA ALA A 71 5.74 -5.18 -13.90
C ALA A 71 5.10 -5.97 -15.03
N ALA A 72 4.94 -5.35 -16.21
CA ALA A 72 4.43 -6.09 -17.35
C ALA A 72 5.36 -7.24 -17.74
N LEU A 73 6.67 -6.98 -17.77
CA LEU A 73 7.65 -8.03 -18.01
CA LEU A 73 7.62 -8.05 -18.03
C LEU A 73 7.48 -9.17 -17.03
N VAL A 74 7.33 -8.84 -15.74
CA VAL A 74 7.16 -9.87 -14.72
C VAL A 74 5.89 -10.67 -14.98
N PHE A 75 4.78 -9.98 -15.30
CA PHE A 75 3.53 -10.68 -15.60
C PHE A 75 3.69 -11.60 -16.82
N GLU A 76 4.40 -11.13 -17.85
CA GLU A 76 4.64 -11.98 -19.02
C GLU A 76 5.38 -13.25 -18.63
N ARG A 77 6.39 -13.14 -17.75
CA ARG A 77 7.12 -14.35 -17.37
C ARG A 77 6.26 -15.28 -16.52
N ILE A 78 5.41 -14.71 -15.64
CA ILE A 78 4.45 -15.53 -14.90
C ILE A 78 3.46 -16.18 -15.86
N ASP A 79 2.93 -15.39 -16.81
CA ASP A 79 2.03 -15.87 -17.86
C ASP A 79 2.64 -17.08 -18.58
N SER A 80 3.95 -17.00 -18.84
CA SER A 80 4.69 -17.94 -19.67
C SER A 80 5.17 -19.16 -18.89
N GLY A 81 5.09 -19.14 -17.57
CA GLY A 81 5.59 -20.24 -16.77
C GLY A 81 7.06 -20.17 -16.43
N THR A 82 7.76 -19.12 -16.84
CA THR A 82 9.17 -18.96 -16.52
C THR A 82 9.41 -18.23 -15.20
N GLU A 83 8.36 -17.71 -14.57
CA GLU A 83 8.43 -17.14 -13.23
C GLU A 83 7.21 -17.61 -12.45
N ARG A 84 7.33 -17.61 -11.11
CA ARG A 84 6.20 -17.89 -10.23
C ARG A 84 5.94 -16.66 -9.38
N GLY A 85 4.67 -16.23 -9.30
CA GLY A 85 4.36 -15.00 -8.60
C GLY A 85 4.62 -15.04 -7.11
N ASP A 86 4.54 -16.22 -6.50
CA ASP A 86 4.78 -16.38 -5.08
C ASP A 86 6.22 -16.78 -4.76
N ARG A 87 7.12 -16.77 -5.74
CA ARG A 87 8.51 -17.13 -5.45
C ARG A 87 9.14 -16.11 -4.52
N LYS A 88 9.79 -16.60 -3.47
CA LYS A 88 10.38 -15.74 -2.45
C LYS A 88 11.75 -15.26 -2.91
N LEU A 89 11.93 -13.93 -2.93
CA LEU A 89 13.19 -13.30 -3.32
C LEU A 89 13.89 -12.80 -2.05
N SER A 90 14.98 -13.48 -1.66
CA SER A 90 15.65 -13.13 -0.41
C SER A 90 16.58 -11.94 -0.61
N TYR A 91 16.78 -11.18 0.47
CA TYR A 91 17.68 -10.04 0.41
C TYR A 91 18.11 -9.63 1.80
N GLY A 92 19.15 -8.81 1.83
CA GLY A 92 19.68 -8.22 3.03
C GLY A 92 19.61 -6.71 2.98
N PRO A 93 20.13 -6.02 4.00
CA PRO A 93 19.99 -4.56 4.07
C PRO A 93 20.68 -3.82 2.93
N ASP A 94 21.61 -4.48 2.22
CA ASP A 94 22.25 -3.87 1.06
C ASP A 94 21.25 -3.47 -0.01
N MET A 95 20.08 -4.11 -0.02
CA MET A 95 19.09 -3.80 -1.05
CA MET A 95 19.03 -3.85 -1.00
C MET A 95 18.24 -2.59 -0.71
N ILE A 96 18.34 -2.06 0.51
CA ILE A 96 17.62 -0.84 0.87
C ILE A 96 18.36 0.36 0.27
N VAL A 97 17.66 1.11 -0.58
CA VAL A 97 18.13 2.38 -1.11
C VAL A 97 17.03 3.41 -0.81
N GLU A 98 17.25 4.66 -1.22
CA GLU A 98 16.28 5.70 -0.90
C GLU A 98 14.92 5.29 -1.45
N TRP A 99 13.87 5.63 -0.70
CA TRP A 99 12.49 5.43 -1.14
C TRP A 99 12.18 3.94 -1.36
N SER A 100 12.41 3.15 -0.31
CA SER A 100 12.16 1.71 -0.33
C SER A 100 11.29 1.28 0.85
N PRO A 101 10.07 1.82 0.96
CA PRO A 101 9.30 1.61 2.20
C PRO A 101 8.83 0.19 2.41
N ALA A 102 8.37 -0.50 1.37
CA ALA A 102 7.97 -1.90 1.55
C ALA A 102 9.18 -2.79 1.77
N THR A 103 10.26 -2.56 1.01
CA THR A 103 11.47 -3.34 1.19
C THR A 103 11.98 -3.24 2.63
N GLU A 104 11.92 -2.04 3.21
CA GLU A 104 12.30 -1.87 4.62
C GLU A 104 11.40 -2.66 5.55
N ARG A 105 10.08 -2.64 5.29
CA ARG A 105 9.17 -3.34 6.20
C ARG A 105 9.36 -4.85 6.15
N PHE A 106 9.65 -5.41 4.97
CA PHE A 106 9.85 -6.84 4.82
C PHE A 106 11.27 -7.31 5.10
N LEU A 107 12.19 -6.39 5.42
CA LEU A 107 13.60 -6.75 5.59
C LEU A 107 13.81 -7.81 6.66
N ALA A 108 13.20 -7.64 7.83
CA ALA A 108 13.40 -8.62 8.91
C ALA A 108 12.91 -10.01 8.49
N SER A 109 11.81 -10.07 7.73
CA SER A 109 11.30 -11.36 7.28
C SER A 109 12.27 -12.04 6.32
N GLY A 110 13.10 -11.25 5.61
CA GLY A 110 14.15 -11.76 4.76
C GLY A 110 13.81 -11.89 3.29
N HIS A 111 12.55 -11.65 2.89
CA HIS A 111 12.20 -11.79 1.47
C HIS A 111 10.99 -10.96 1.14
N MET A 112 10.75 -10.81 -0.17
CA MET A 112 9.51 -10.30 -0.70
C MET A 112 9.23 -11.27 -1.85
N THR A 113 7.95 -11.59 -2.10
CA THR A 113 7.68 -12.41 -3.27
C THR A 113 7.80 -11.58 -4.53
N VAL A 114 7.88 -12.29 -5.67
CA VAL A 114 7.89 -11.61 -6.97
C VAL A 114 6.72 -10.64 -7.08
N LEU A 115 5.52 -11.11 -6.72
CA LEU A 115 4.33 -10.26 -6.89
C LEU A 115 4.27 -9.15 -5.83
N GLU A 116 4.69 -9.43 -4.59
CA GLU A 116 4.76 -8.36 -3.59
C GLU A 116 5.70 -7.26 -4.06
N ALA A 117 6.87 -7.65 -4.59
CA ALA A 117 7.84 -6.68 -5.07
C ALA A 117 7.27 -5.88 -6.24
N ALA A 118 6.61 -6.55 -7.18
CA ALA A 118 6.09 -5.86 -8.34
C ALA A 118 5.02 -4.87 -7.94
N GLN A 119 4.13 -5.26 -7.03
CA GLN A 119 3.07 -4.34 -6.62
C GLN A 119 3.63 -3.15 -5.84
N ALA A 120 4.66 -3.39 -5.02
CA ALA A 120 5.30 -2.28 -4.32
C ALA A 120 6.01 -1.34 -5.29
N ALA A 121 6.68 -1.89 -6.30
CA ALA A 121 7.30 -1.06 -7.32
C ALA A 121 6.28 -0.20 -8.03
N VAL A 122 5.13 -0.76 -8.40
CA VAL A 122 4.15 0.02 -9.16
C VAL A 122 3.41 1.00 -8.27
N GLN A 123 2.98 0.57 -7.09
CA GLN A 123 2.04 1.39 -6.33
C GLN A 123 2.69 2.29 -5.29
N LEU A 124 3.91 1.98 -4.86
CA LEU A 124 4.64 2.84 -3.93
C LEU A 124 5.89 3.42 -4.56
N SER A 125 6.21 3.03 -5.79
CA SER A 125 7.48 3.36 -6.42
C SER A 125 8.65 2.93 -5.53
N ASP A 126 8.56 1.73 -4.97
CA ASP A 126 9.59 1.22 -4.08
C ASP A 126 10.85 0.88 -4.89
N ASN A 127 11.96 1.59 -4.60
CA ASN A 127 13.19 1.41 -5.38
C ASN A 127 13.86 0.07 -5.09
N GLY A 128 13.92 -0.32 -3.82
CA GLY A 128 14.52 -1.59 -3.47
C GLY A 128 13.78 -2.76 -4.10
N ALA A 129 12.44 -2.68 -4.12
CA ALA A 129 11.64 -3.74 -4.73
C ALA A 129 11.90 -3.81 -6.23
N THR A 130 12.00 -2.65 -6.86
CA THR A 130 12.36 -2.57 -8.28
C THR A 130 13.70 -3.25 -8.54
N ASN A 131 14.71 -2.93 -7.71
CA ASN A 131 16.04 -3.52 -7.91
C ASN A 131 16.04 -5.02 -7.64
N LEU A 132 15.23 -5.47 -6.68
CA LEU A 132 15.12 -6.90 -6.43
C LEU A 132 14.63 -7.63 -7.68
N LEU A 133 13.63 -7.06 -8.36
CA LEU A 133 13.13 -7.64 -9.60
C LEU A 133 14.17 -7.55 -10.73
N LEU A 134 14.85 -6.40 -10.85
CA LEU A 134 15.92 -6.27 -11.84
C LEU A 134 17.03 -7.30 -11.61
N ARG A 135 17.39 -7.53 -10.35
CA ARG A 135 18.35 -8.58 -10.01
C ARG A 135 17.94 -9.93 -10.60
N GLU A 136 16.62 -10.19 -10.62
CA GLU A 136 16.10 -11.51 -10.98
C GLU A 136 16.03 -11.69 -12.49
N ILE A 137 15.71 -10.63 -13.23
CA ILE A 137 15.59 -10.77 -14.68
C ILE A 137 16.90 -10.59 -15.41
N GLY A 138 17.99 -10.28 -14.69
CA GLY A 138 19.28 -10.13 -15.32
C GLY A 138 19.66 -8.70 -15.60
N GLY A 139 18.91 -7.74 -15.08
CA GLY A 139 19.33 -6.37 -15.10
C GLY A 139 18.78 -5.57 -16.27
N PRO A 140 19.33 -4.37 -16.41
CA PRO A 140 18.80 -3.42 -17.41
C PRO A 140 18.75 -3.97 -18.83
N ALA A 141 19.71 -4.80 -19.23
CA ALA A 141 19.70 -5.33 -20.60
C ALA A 141 18.43 -6.13 -20.87
N ALA A 142 17.96 -6.90 -19.88
CA ALA A 142 16.75 -7.70 -20.09
C ALA A 142 15.50 -6.82 -20.10
N MET A 143 15.50 -5.72 -19.37
CA MET A 143 14.31 -4.88 -19.45
C MET A 143 14.26 -4.19 -20.81
N THR A 144 15.41 -3.75 -21.33
CA THR A 144 15.43 -3.21 -22.68
C THR A 144 15.00 -4.26 -23.71
N GLN A 145 15.44 -5.50 -23.53
CA GLN A 145 14.99 -6.58 -24.42
C GLN A 145 13.47 -6.71 -24.41
N TYR A 146 12.84 -6.52 -23.25
CA TYR A 146 11.38 -6.60 -23.19
C TYR A 146 10.74 -5.45 -23.98
N PHE A 147 11.26 -4.22 -23.84
CA PHE A 147 10.77 -3.14 -24.69
C PHE A 147 10.81 -3.54 -26.15
N ARG A 148 11.95 -4.10 -26.60
CA ARG A 148 12.05 -4.50 -28.01
C ARG A 148 11.02 -5.54 -28.36
N LYS A 149 10.75 -6.47 -27.44
CA LYS A 149 9.81 -7.57 -27.72
C LYS A 149 8.40 -7.06 -27.96
N ILE A 150 8.00 -6.00 -27.27
CA ILE A 150 6.66 -5.45 -27.41
C ILE A 150 6.63 -4.32 -28.45
N GLY A 151 7.66 -4.22 -29.29
CA GLY A 151 7.64 -3.29 -30.41
C GLY A 151 8.13 -1.89 -30.10
N ASP A 152 8.73 -1.69 -28.92
CA ASP A 152 9.28 -0.41 -28.52
C ASP A 152 10.77 -0.43 -28.81
N SER A 153 11.18 0.28 -29.86
CA SER A 153 12.58 0.33 -30.25
C SER A 153 13.31 1.55 -29.67
N VAL A 154 12.64 2.32 -28.82
CA VAL A 154 13.14 3.61 -28.34
C VAL A 154 13.52 3.56 -26.86
N SER A 155 12.61 3.08 -26.01
CA SER A 155 12.85 3.05 -24.56
C SER A 155 14.05 2.19 -24.23
N ARG A 156 14.85 2.64 -23.26
CA ARG A 156 16.04 1.87 -22.90
C ARG A 156 16.33 2.02 -21.42
N LEU A 157 16.59 0.89 -20.74
CA LEU A 157 17.07 0.92 -19.37
C LEU A 157 18.55 0.56 -19.36
N ASP A 158 19.35 1.40 -18.72
CA ASP A 158 20.79 1.19 -18.66
C ASP A 158 21.30 0.92 -17.25
N ARG A 159 20.61 1.40 -16.22
CA ARG A 159 21.07 1.34 -14.84
C ARG A 159 19.92 0.97 -13.91
N LYS A 160 20.26 0.53 -12.70
CA LYS A 160 19.27 0.27 -11.68
C LYS A 160 18.96 1.56 -10.92
N GLU A 161 18.08 1.46 -9.91
CA GLU A 161 17.71 2.58 -9.07
C GLU A 161 18.74 2.79 -7.96
N PRO A 162 18.99 4.04 -7.57
CA PRO A 162 18.38 5.27 -8.09
C PRO A 162 19.21 5.96 -9.17
N GLU A 163 20.38 5.44 -9.54
CA GLU A 163 21.24 6.17 -10.46
C GLU A 163 20.64 6.31 -11.86
N MET A 164 19.73 5.42 -12.27
CA MET A 164 19.09 5.58 -13.57
C MET A 164 18.28 6.87 -13.64
N SER A 165 17.98 7.48 -12.49
CA SER A 165 17.20 8.71 -12.43
C SER A 165 18.06 9.96 -12.30
N ASP A 166 19.37 9.84 -12.53
CA ASP A 166 20.29 10.98 -12.42
C ASP A 166 19.86 12.12 -13.34
N ASN A 167 19.31 11.77 -14.51
CA ASN A 167 18.77 12.76 -15.43
C ASN A 167 19.80 13.82 -15.80
N THR A 168 21.01 13.38 -16.08
CA THR A 168 22.05 14.29 -16.53
C THR A 168 21.62 14.90 -17.86
N PRO A 169 21.66 16.22 -18.00
CA PRO A 169 21.18 16.85 -19.24
C PRO A 169 21.86 16.25 -20.46
N GLY A 170 21.05 15.88 -21.47
CA GLY A 170 21.54 15.33 -22.71
C GLY A 170 21.86 13.86 -22.71
N ASP A 171 21.85 13.21 -21.55
CA ASP A 171 22.17 11.80 -21.44
C ASP A 171 21.05 10.97 -22.07
N LEU A 172 21.38 10.09 -23.02
CA LEU A 172 20.36 9.26 -23.63
C LEU A 172 20.13 7.95 -22.88
N ARG A 173 20.98 7.63 -21.90
CA ARG A 173 20.73 6.47 -21.07
C ARG A 173 19.41 6.61 -20.34
N ASP A 174 18.70 5.49 -20.15
CA ASP A 174 17.53 5.43 -19.28
C ASP A 174 16.43 6.38 -19.75
N THR A 175 16.29 6.54 -21.06
CA THR A 175 15.30 7.45 -21.65
C THR A 175 14.22 6.70 -22.41
N THR A 176 13.14 7.45 -22.66
CA THR A 176 12.07 7.07 -23.58
C THR A 176 11.64 8.34 -24.31
N THR A 177 10.65 8.21 -25.19
CA THR A 177 9.95 9.37 -25.70
C THR A 177 8.48 9.27 -25.29
N PRO A 178 7.78 10.40 -25.19
CA PRO A 178 6.35 10.31 -24.86
C PRO A 178 5.58 9.40 -25.81
N ILE A 179 5.82 9.46 -27.12
CA ILE A 179 5.08 8.60 -28.05
C ILE A 179 5.48 7.14 -27.88
N ALA A 180 6.77 6.85 -27.71
CA ALA A 180 7.17 5.45 -27.52
C ALA A 180 6.53 4.89 -26.26
N MET A 181 6.54 5.65 -25.17
CA MET A 181 6.00 5.09 -23.94
C MET A 181 4.48 5.03 -23.96
N ALA A 182 3.81 6.01 -24.57
CA ALA A 182 2.36 5.92 -24.68
C ALA A 182 1.96 4.69 -25.49
N ARG A 183 2.69 4.39 -26.55
CA ARG A 183 2.39 3.20 -27.34
C ARG A 183 2.72 1.92 -26.58
N THR A 184 3.73 1.95 -25.72
CA THR A 184 4.02 0.79 -24.89
C THR A 184 2.92 0.55 -23.86
N VAL A 185 2.42 1.63 -23.23
CA VAL A 185 1.28 1.50 -22.32
C VAL A 185 0.10 0.89 -23.05
N ALA A 186 -0.21 1.40 -24.25
CA ALA A 186 -1.33 0.87 -25.02
C ALA A 186 -1.12 -0.60 -25.37
N LYS A 187 0.11 -0.97 -25.70
CA LYS A 187 0.37 -2.36 -26.06
C LYS A 187 0.15 -3.29 -24.87
N VAL A 188 0.54 -2.83 -23.66
CA VAL A 188 0.39 -3.65 -22.46
C VAL A 188 -1.07 -3.75 -22.03
N LEU A 189 -1.82 -2.64 -22.11
CA LEU A 189 -3.19 -2.64 -21.60
C LEU A 189 -4.22 -3.05 -22.63
N TYR A 190 -4.00 -2.75 -23.90
CA TYR A 190 -5.01 -2.93 -24.95
C TYR A 190 -4.53 -3.78 -26.12
N GLY A 191 -3.23 -3.98 -26.27
CA GLY A 191 -2.68 -4.63 -27.44
C GLY A 191 -2.32 -6.09 -27.26
N GLY A 192 -2.75 -6.74 -26.18
CA GLY A 192 -2.57 -8.16 -26.04
C GLY A 192 -1.22 -8.63 -25.55
N ALA A 193 -0.41 -7.75 -24.95
CA ALA A 193 0.89 -8.18 -24.45
C ALA A 193 0.75 -9.16 -23.29
N LEU A 194 -0.34 -9.08 -22.52
CA LEU A 194 -0.57 -9.91 -21.34
C LEU A 194 -1.89 -10.65 -21.49
N THR A 195 -2.04 -11.73 -20.71
CA THR A 195 -3.31 -12.44 -20.65
C THR A 195 -4.41 -11.51 -20.14
N SER A 196 -5.66 -11.93 -20.34
CA SER A 196 -6.79 -11.14 -19.87
C SER A 196 -6.70 -10.89 -18.36
N THR A 197 -6.39 -11.94 -17.60
CA THR A 197 -6.30 -11.83 -16.15
C THR A 197 -5.16 -10.91 -15.73
N SER A 198 -3.99 -11.06 -16.34
CA SER A 198 -2.85 -10.25 -15.96
C SER A 198 -3.05 -8.80 -16.37
N THR A 199 -3.70 -8.58 -17.52
CA THR A 199 -4.00 -7.21 -17.94
C THR A 199 -4.92 -6.54 -16.92
N HIS A 200 -5.97 -7.25 -16.48
CA HIS A 200 -6.87 -6.66 -15.50
C HIS A 200 -6.14 -6.34 -14.20
N THR A 201 -5.27 -7.26 -13.76
CA THR A 201 -4.55 -7.02 -12.50
C THR A 201 -3.67 -5.78 -12.60
N ILE A 202 -2.91 -5.64 -13.69
CA ILE A 202 -2.02 -4.50 -13.77
C ILE A 202 -2.80 -3.20 -13.93
N GLU A 203 -3.98 -3.27 -14.56
CA GLU A 203 -4.87 -2.11 -14.62
C GLU A 203 -5.35 -1.70 -13.22
N ARG A 204 -5.75 -2.68 -12.41
CA ARG A 204 -6.17 -2.35 -11.05
C ARG A 204 -5.02 -1.78 -10.24
N TRP A 205 -3.80 -2.30 -10.45
CA TRP A 205 -2.64 -1.77 -9.74
C TRP A 205 -2.43 -0.29 -10.07
N LEU A 206 -2.60 0.07 -11.35
CA LEU A 206 -2.42 1.45 -11.76
C LEU A 206 -3.51 2.36 -11.18
N ILE A 207 -4.75 1.89 -11.18
CA ILE A 207 -5.84 2.66 -10.56
C ILE A 207 -5.55 2.88 -9.08
N GLY A 208 -5.07 1.83 -8.38
CA GLY A 208 -4.80 1.92 -6.97
C GLY A 208 -3.45 2.49 -6.59
N ASN A 209 -2.69 2.99 -7.57
CA ASN A 209 -1.40 3.61 -7.28
C ASN A 209 -1.54 4.64 -6.16
N GLN A 210 -0.58 4.65 -5.22
CA GLN A 210 -0.65 5.53 -4.08
C GLN A 210 0.10 6.84 -4.26
N THR A 211 0.84 7.01 -5.36
CA THR A 211 1.76 8.13 -5.49
C THR A 211 1.27 9.24 -6.42
N GLY A 212 0.12 9.08 -7.06
CA GLY A 212 -0.27 9.99 -8.12
C GLY A 212 -1.44 10.91 -7.81
N ASP A 213 -1.79 11.09 -6.53
CA ASP A 213 -2.98 11.88 -6.22
C ASP A 213 -2.86 13.33 -6.65
N ALA A 214 -1.64 13.86 -6.73
CA ALA A 214 -1.46 15.28 -7.00
C ALA A 214 -0.97 15.56 -8.42
N THR A 215 -0.82 14.53 -9.25
CA THR A 215 -0.31 14.75 -10.60
C THR A 215 -1.46 14.63 -11.60
N LEU A 216 -1.36 13.74 -12.61
CA LEU A 216 -2.30 13.79 -13.73
C LEU A 216 -3.75 13.62 -13.26
N ARG A 217 -4.01 12.66 -12.39
CA ARG A 217 -5.39 12.40 -12.02
C ARG A 217 -5.99 13.58 -11.26
N ALA A 218 -5.16 14.46 -10.69
CA ALA A 218 -5.69 15.69 -10.08
C ALA A 218 -6.23 16.65 -11.12
N GLY A 219 -5.73 16.57 -12.36
CA GLY A 219 -6.24 17.44 -13.41
C GLY A 219 -7.27 16.84 -14.32
N PHE A 220 -7.66 15.58 -14.10
CA PHE A 220 -8.67 14.89 -14.90
C PHE A 220 -10.04 15.00 -14.21
N PRO A 221 -11.14 14.98 -14.98
CA PRO A 221 -12.46 14.88 -14.36
C PRO A 221 -12.56 13.64 -13.48
N LYS A 222 -13.43 13.72 -12.47
CA LYS A 222 -13.44 12.73 -11.40
C LYS A 222 -14.21 11.47 -11.77
N ASP A 223 -14.97 11.49 -12.86
CA ASP A 223 -15.66 10.29 -13.32
C ASP A 223 -14.81 9.45 -14.26
N TRP A 224 -13.71 10.01 -14.79
CA TRP A 224 -12.81 9.22 -15.63
C TRP A 224 -12.18 8.12 -14.79
N VAL A 225 -12.13 6.92 -15.36
CA VAL A 225 -11.33 5.85 -14.76
C VAL A 225 -9.89 6.06 -15.21
N VAL A 226 -9.00 6.28 -14.25
CA VAL A 226 -7.61 6.63 -14.50
C VAL A 226 -6.69 5.73 -13.68
N GLY A 227 -5.64 5.24 -14.30
CA GLY A 227 -4.55 4.61 -13.57
C GLY A 227 -3.24 5.07 -14.14
N GLU A 228 -2.24 5.22 -13.27
CA GLU A 228 -0.98 5.75 -13.75
C GLU A 228 0.17 5.40 -12.82
N LYS A 229 1.37 5.66 -13.33
CA LYS A 229 2.64 5.46 -12.64
C LYS A 229 3.44 6.76 -12.73
N THR A 230 3.86 7.28 -11.57
CA THR A 230 4.56 8.55 -11.50
C THR A 230 6.07 8.36 -11.58
N GLY A 231 6.77 9.48 -11.72
CA GLY A 231 8.20 9.51 -11.52
C GLY A 231 8.64 10.89 -11.10
N THR A 232 9.71 10.92 -10.30
CA THR A 232 10.38 12.15 -9.88
C THR A 232 11.88 11.94 -10.03
N CYS A 233 12.54 12.78 -10.83
CA CYS A 233 13.97 12.66 -11.08
C CYS A 233 14.71 13.89 -10.61
N ALA A 234 16.02 13.74 -10.51
CA ALA A 234 16.93 14.87 -10.35
C ALA A 234 16.79 15.84 -11.52
N ASN A 235 17.31 17.05 -11.30
CA ASN A 235 17.27 18.11 -12.31
C ASN A 235 15.85 18.41 -12.81
N GLY A 236 14.88 18.24 -11.92
CA GLY A 236 13.54 18.74 -12.16
C GLY A 236 12.62 17.87 -12.96
N GLY A 237 12.89 16.56 -13.04
CA GLY A 237 12.01 15.67 -13.77
C GLY A 237 10.76 15.33 -12.99
N ARG A 238 9.61 15.37 -13.66
CA ARG A 238 8.36 14.94 -13.05
C ARG A 238 7.49 14.34 -14.14
N ASN A 239 7.15 13.06 -14.00
CA ASN A 239 6.54 12.28 -15.06
C ASN A 239 5.31 11.54 -14.56
N ASP A 240 4.42 11.18 -15.50
CA ASP A 240 3.23 10.41 -15.15
C ASP A 240 2.75 9.72 -16.43
N ILE A 241 2.65 8.39 -16.41
CA ILE A 241 2.22 7.61 -17.57
C ILE A 241 1.09 6.68 -17.16
N GLY A 242 0.19 6.39 -18.09
CA GLY A 242 -0.90 5.49 -17.71
C GLY A 242 -2.02 5.53 -18.73
N PHE A 243 -3.23 5.34 -18.23
CA PHE A 243 -4.39 5.25 -19.11
C PHE A 243 -5.55 6.01 -18.49
N PHE A 244 -6.50 6.36 -19.35
CA PHE A 244 -7.77 6.87 -18.86
C PHE A 244 -8.91 6.48 -19.79
N LYS A 245 -10.08 6.29 -19.18
CA LYS A 245 -11.31 6.01 -19.89
C LYS A 245 -12.20 7.23 -19.73
N ALA A 246 -12.52 7.88 -20.84
CA ALA A 246 -13.28 9.12 -20.86
C ALA A 246 -14.37 9.02 -21.90
N GLN A 247 -15.61 9.32 -21.50
CA GLN A 247 -16.76 9.22 -22.40
C GLN A 247 -16.79 7.87 -23.11
N GLU A 248 -16.48 6.81 -22.34
CA GLU A 248 -16.54 5.42 -22.80
C GLU A 248 -15.55 5.13 -23.94
N ARG A 249 -14.48 5.91 -24.02
CA ARG A 249 -13.37 5.62 -24.92
C ARG A 249 -12.10 5.49 -24.10
N ASP A 250 -11.23 4.58 -24.52
CA ASP A 250 -9.99 4.28 -23.80
C ASP A 250 -8.80 4.96 -24.46
N TYR A 251 -7.90 5.49 -23.63
CA TYR A 251 -6.69 6.17 -24.09
C TYR A 251 -5.48 5.74 -23.27
N ALA A 252 -4.31 5.81 -23.88
CA ALA A 252 -3.05 5.67 -23.17
C ALA A 252 -2.32 7.01 -23.26
N VAL A 253 -1.62 7.38 -22.19
CA VAL A 253 -1.03 8.71 -22.10
C VAL A 253 0.34 8.61 -21.45
N ALA A 254 1.28 9.41 -21.92
CA ALA A 254 2.57 9.54 -21.28
C ALA A 254 2.92 11.02 -21.19
N VAL A 255 3.25 11.47 -19.98
CA VAL A 255 3.65 12.86 -19.75
C VAL A 255 5.02 12.86 -19.09
N TYR A 256 5.98 13.52 -19.71
CA TYR A 256 7.32 13.71 -19.16
C TYR A 256 7.59 15.20 -19.10
N THR A 257 7.99 15.71 -17.93
CA THR A 257 8.28 17.14 -17.80
C THR A 257 9.62 17.37 -17.12
N THR A 258 10.21 18.52 -17.45
CA THR A 258 11.50 18.95 -16.90
C THR A 258 11.34 20.40 -16.48
N ALA A 259 11.47 20.68 -15.18
CA ALA A 259 11.28 22.03 -14.67
C ALA A 259 12.28 22.27 -13.54
N PRO A 260 13.54 22.58 -13.87
CA PRO A 260 14.59 22.65 -12.84
C PRO A 260 14.39 23.74 -11.80
N LYS A 261 13.62 24.79 -12.11
CA LYS A 261 13.49 25.93 -11.21
C LYS A 261 12.21 25.91 -10.38
N LEU A 262 11.30 24.95 -10.59
CA LEU A 262 10.10 24.84 -9.76
C LEU A 262 10.40 24.08 -8.47
N SER A 263 9.59 24.35 -7.45
CA SER A 263 9.59 23.52 -6.26
C SER A 263 8.92 22.18 -6.56
N ALA A 264 9.09 21.23 -5.64
CA ALA A 264 8.48 19.91 -5.83
C ALA A 264 6.97 20.00 -5.92
N VAL A 265 6.35 20.82 -5.06
CA VAL A 265 4.90 20.98 -5.13
C VAL A 265 4.49 21.63 -6.44
N GLU A 266 5.26 22.62 -6.92
CA GLU A 266 4.93 23.25 -8.18
C GLU A 266 5.08 22.30 -9.37
N ARG A 267 5.98 21.31 -9.28
CA ARG A 267 6.07 20.31 -10.34
C ARG A 267 4.84 19.41 -10.34
N ASP A 268 4.35 19.03 -9.15
CA ASP A 268 3.07 18.34 -9.07
C ASP A 268 1.99 19.15 -9.76
N GLU A 269 1.90 20.45 -9.42
CA GLU A 269 0.89 21.32 -10.01
C GLU A 269 1.07 21.41 -11.53
N LEU A 270 2.32 21.39 -12.00
CA LEU A 270 2.57 21.43 -13.44
C LEU A 270 1.93 20.23 -14.14
N VAL A 271 2.20 19.03 -13.63
CA VAL A 271 1.64 17.83 -14.26
C VAL A 271 0.12 17.83 -14.14
N ALA A 272 -0.41 18.29 -13.01
CA ALA A 272 -1.86 18.42 -12.88
C ALA A 272 -2.41 19.40 -13.92
N SER A 273 -1.70 20.51 -14.17
CA SER A 273 -2.14 21.47 -15.18
C SER A 273 -2.10 20.85 -16.58
N VAL A 274 -1.09 20.03 -16.86
CA VAL A 274 -1.08 19.28 -18.12
C VAL A 274 -2.30 18.38 -18.20
N GLY A 275 -2.68 17.76 -17.09
CA GLY A 275 -3.90 16.98 -17.08
C GLY A 275 -5.11 17.79 -17.50
N GLN A 276 -5.18 19.05 -17.05
CA GLN A 276 -6.29 19.91 -17.43
C GLN A 276 -6.25 20.26 -18.92
N VAL A 277 -5.06 20.50 -19.47
CA VAL A 277 -4.93 20.77 -20.91
C VAL A 277 -5.38 19.55 -21.71
N ILE A 278 -4.97 18.35 -21.26
CA ILE A 278 -5.41 17.12 -21.90
C ILE A 278 -6.93 17.01 -21.85
N THR A 279 -7.53 17.29 -20.68
CA THR A 279 -8.98 17.23 -20.52
C THR A 279 -9.68 18.10 -21.55
N GLN A 280 -9.19 19.32 -21.76
CA GLN A 280 -9.81 20.22 -22.72
CA GLN A 280 -9.80 20.23 -22.73
C GLN A 280 -9.76 19.64 -24.13
N LEU A 281 -8.64 19.01 -24.49
CA LEU A 281 -8.52 18.40 -25.81
C LEU A 281 -9.49 17.24 -25.99
N ILE A 282 -9.54 16.35 -24.99
CA ILE A 282 -10.38 15.16 -25.09
C ILE A 282 -11.85 15.56 -25.19
N LEU A 283 -12.29 16.47 -24.32
CA LEU A 283 -13.70 16.84 -24.31
C LEU A 283 -14.10 17.59 -25.58
N SER A 284 -13.14 18.11 -26.32
CA SER A 284 -13.42 18.87 -27.53
C SER A 284 -13.86 17.95 -28.66
N SER B 19 11.71 -10.07 39.53
CA SER B 19 11.63 -10.95 38.36
C SER B 19 11.47 -10.12 37.09
N GLU B 20 11.57 -10.78 35.93
CA GLU B 20 11.38 -10.07 34.67
C GLU B 20 9.95 -9.52 34.55
N LYS B 21 8.97 -10.26 35.08
CA LYS B 21 7.58 -9.79 34.99
C LYS B 21 7.33 -8.62 35.94
N LEU B 22 8.01 -8.59 37.09
CA LEU B 22 7.92 -7.43 37.96
C LEU B 22 8.54 -6.19 37.33
N THR B 23 9.70 -6.35 36.67
CA THR B 23 10.31 -5.22 35.98
C THR B 23 9.42 -4.70 34.87
N PHE B 24 8.78 -5.61 34.14
CA PHE B 24 7.82 -5.25 33.10
C PHE B 24 6.69 -4.41 33.66
N LYS B 25 6.05 -4.89 34.73
CA LYS B 25 4.97 -4.13 35.37
C LYS B 25 5.45 -2.77 35.82
N THR B 26 6.60 -2.72 36.50
CA THR B 26 7.11 -1.47 37.05
C THR B 26 7.44 -0.47 35.95
N ASP B 27 7.98 -0.96 34.84
CA ASP B 27 8.37 -0.06 33.77
C ASP B 27 7.15 0.48 33.03
N LEU B 28 6.11 -0.35 32.86
CA LEU B 28 4.87 0.16 32.27
C LEU B 28 4.20 1.17 33.19
N GLU B 29 4.27 0.93 34.51
CA GLU B 29 3.62 1.85 35.42
C GLU B 29 4.32 3.20 35.44
N LYS B 30 5.65 3.19 35.25
CA LYS B 30 6.41 4.42 35.08
C LYS B 30 5.91 5.20 33.88
N LEU B 31 5.73 4.53 32.74
CA LEU B 31 5.20 5.19 31.55
C LEU B 31 3.81 5.76 31.82
N GLU B 32 2.95 4.99 32.50
CA GLU B 32 1.60 5.48 32.81
C GLU B 32 1.65 6.77 33.63
N ARG B 33 2.46 6.80 34.69
CA ARG B 33 2.55 7.99 35.53
C ARG B 33 3.06 9.19 34.75
N GLU B 34 4.14 9.00 34.01
CA GLU B 34 4.84 10.13 33.42
C GLU B 34 4.12 10.68 32.19
N LYS B 35 3.36 9.85 31.49
CA LYS B 35 2.63 10.30 30.31
C LYS B 35 1.15 10.48 30.56
N ALA B 36 0.70 10.34 31.80
CA ALA B 36 -0.73 10.41 32.15
C ALA B 36 -1.55 9.47 31.25
N ALA B 37 -1.16 8.20 31.27
CA ALA B 37 -1.71 7.24 30.33
C ALA B 37 -2.12 5.98 31.07
N GLN B 38 -2.95 5.19 30.40
CA GLN B 38 -3.26 3.83 30.81
C GLN B 38 -2.86 2.90 29.68
N ILE B 39 -2.15 1.83 30.01
CA ILE B 39 -1.54 0.94 29.03
C ILE B 39 -2.04 -0.48 29.29
N GLY B 40 -2.77 -1.04 28.32
CA GLY B 40 -3.17 -2.44 28.38
C GLY B 40 -2.31 -3.25 27.44
N VAL B 41 -1.73 -4.34 27.97
CA VAL B 41 -0.87 -5.22 27.18
C VAL B 41 -1.23 -6.66 27.48
N ALA B 42 -1.26 -7.50 26.46
CA ALA B 42 -1.21 -8.94 26.68
C ALA B 42 -0.26 -9.55 25.66
N ILE B 43 0.63 -10.43 26.15
CA ILE B 43 1.51 -11.22 25.29
C ILE B 43 1.18 -12.68 25.57
N VAL B 44 0.89 -13.42 24.51
CA VAL B 44 0.60 -14.84 24.66
C VAL B 44 1.48 -15.62 23.69
N ASP B 45 1.63 -16.90 23.99
CA ASP B 45 2.35 -17.82 23.11
C ASP B 45 1.36 -18.31 22.05
N PRO B 46 1.80 -19.13 21.10
CA PRO B 46 0.90 -19.54 20.00
C PRO B 46 -0.35 -20.27 20.45
N GLN B 47 -0.35 -20.89 21.63
CA GLN B 47 -1.53 -21.56 22.15
C GLN B 47 -2.40 -20.65 23.00
N GLY B 48 -2.02 -19.38 23.16
CA GLY B 48 -2.78 -18.46 23.96
C GLY B 48 -2.42 -18.43 25.43
N GLU B 49 -1.38 -19.15 25.85
CA GLU B 49 -0.94 -19.09 27.22
C GLU B 49 -0.26 -17.75 27.50
N ILE B 50 -0.58 -17.17 28.65
CA ILE B 50 -0.10 -15.84 29.00
C ILE B 50 1.41 -15.85 29.24
N VAL B 51 2.10 -14.97 28.53
CA VAL B 51 3.52 -14.68 28.79
C VAL B 51 3.67 -13.55 29.80
N ALA B 52 3.02 -12.41 29.54
CA ALA B 52 2.94 -11.32 30.51
C ALA B 52 1.84 -10.37 30.05
N GLY B 53 1.47 -9.46 30.93
CA GLY B 53 0.42 -8.51 30.58
C GLY B 53 0.32 -7.39 31.59
N HIS B 54 -0.60 -6.47 31.30
CA HIS B 54 -0.85 -5.33 32.17
C HIS B 54 -2.25 -4.84 31.85
N ARG B 55 -3.07 -4.62 32.88
CA ARG B 55 -4.48 -4.26 32.69
C ARG B 55 -5.16 -5.19 31.70
N MET B 56 -4.87 -6.49 31.85
CA MET B 56 -5.19 -7.50 30.83
C MET B 56 -6.68 -7.64 30.62
N ALA B 57 -7.48 -7.45 31.68
CA ALA B 57 -8.93 -7.61 31.62
C ALA B 57 -9.67 -6.29 31.57
N GLN B 58 -8.95 -5.17 31.39
CA GLN B 58 -9.58 -3.86 31.25
C GLN B 58 -10.09 -3.68 29.83
N ARG B 59 -11.30 -3.12 29.69
CA ARG B 59 -11.84 -2.86 28.38
C ARG B 59 -11.23 -1.60 27.76
N PHE B 60 -10.89 -1.70 26.47
CA PHE B 60 -10.41 -0.59 25.67
C PHE B 60 -11.17 -0.59 24.35
N ALA B 61 -11.33 0.59 23.77
CA ALA B 61 -11.89 0.68 22.43
C ALA B 61 -10.97 0.00 21.43
N MET B 62 -11.57 -0.81 20.55
CA MET B 62 -10.86 -1.54 19.51
C MET B 62 -10.34 -0.59 18.44
N CYS B 63 -11.15 0.42 18.11
CA CYS B 63 -10.99 1.28 16.93
CA CYS B 63 -10.88 1.29 16.97
C CYS B 63 -10.47 0.44 15.76
N SER B 64 -9.48 0.91 15.00
CA SER B 64 -9.19 0.21 13.74
C SER B 64 -8.53 -1.16 13.91
N THR B 65 -8.12 -1.56 15.13
CA THR B 65 -7.49 -2.86 15.25
C THR B 65 -8.43 -4.00 14.88
N PHE B 66 -9.75 -3.80 14.94
CA PHE B 66 -10.65 -4.90 14.59
C PHE B 66 -10.56 -5.27 13.11
N LYS B 67 -9.95 -4.41 12.28
CA LYS B 67 -9.89 -4.72 10.85
C LYS B 67 -9.06 -5.97 10.59
N PHE B 68 -8.11 -6.30 11.48
CA PHE B 68 -7.39 -7.56 11.31
C PHE B 68 -8.31 -8.76 11.51
N PRO B 69 -9.05 -8.89 12.64
CA PRO B 69 -10.06 -9.95 12.71
C PRO B 69 -11.09 -9.90 11.59
N LEU B 70 -11.47 -8.71 11.10
CA LEU B 70 -12.39 -8.64 9.97
C LEU B 70 -11.81 -9.34 8.73
N ALA B 71 -10.53 -9.10 8.45
CA ALA B 71 -9.90 -9.80 7.32
C ALA B 71 -9.86 -11.30 7.56
N ALA B 72 -9.65 -11.73 8.82
CA ALA B 72 -9.68 -13.16 9.11
C ALA B 72 -11.06 -13.74 8.84
N LEU B 73 -12.10 -13.02 9.25
CA LEU B 73 -13.48 -13.42 8.95
C LEU B 73 -13.66 -13.64 7.47
N VAL B 74 -13.19 -12.68 6.65
CA VAL B 74 -13.33 -12.77 5.20
C VAL B 74 -12.52 -13.95 4.66
N PHE B 75 -11.30 -14.16 5.16
CA PHE B 75 -10.51 -15.30 4.68
C PHE B 75 -11.17 -16.62 5.04
N GLU B 76 -11.84 -16.70 6.18
CA GLU B 76 -12.53 -17.95 6.52
C GLU B 76 -13.65 -18.21 5.53
N ARG B 77 -14.34 -17.16 5.08
CA ARG B 77 -15.41 -17.37 4.11
C ARG B 77 -14.84 -17.83 2.77
N ILE B 78 -13.72 -17.25 2.36
CA ILE B 78 -13.04 -17.73 1.16
C ILE B 78 -12.60 -19.18 1.36
N ASP B 79 -12.01 -19.49 2.52
CA ASP B 79 -11.56 -20.85 2.80
C ASP B 79 -12.71 -21.85 2.70
N SER B 80 -13.89 -21.47 3.16
CA SER B 80 -15.03 -22.38 3.22
CA SER B 80 -15.03 -22.38 3.22
C SER B 80 -15.84 -22.41 1.93
N GLY B 81 -15.49 -21.58 0.95
CA GLY B 81 -16.21 -21.58 -0.31
C GLY B 81 -17.49 -20.77 -0.31
N THR B 82 -17.68 -19.88 0.67
CA THR B 82 -18.87 -19.04 0.70
C THR B 82 -18.59 -17.62 0.23
N GLU B 83 -17.35 -17.32 -0.16
CA GLU B 83 -16.95 -16.04 -0.70
C GLU B 83 -15.85 -16.28 -1.74
N ARG B 84 -15.72 -15.35 -2.68
CA ARG B 84 -14.64 -15.34 -3.66
C ARG B 84 -13.83 -14.07 -3.49
N GLY B 85 -12.50 -14.20 -3.44
CA GLY B 85 -11.67 -13.04 -3.22
C GLY B 85 -11.72 -12.02 -4.33
N ASP B 86 -12.00 -12.45 -5.55
CA ASP B 86 -12.07 -11.54 -6.68
C ASP B 86 -13.49 -11.03 -6.96
N ARG B 87 -14.46 -11.31 -6.09
CA ARG B 87 -15.81 -10.80 -6.33
C ARG B 87 -15.81 -9.27 -6.22
N LYS B 88 -16.44 -8.60 -7.19
CA LYS B 88 -16.45 -7.15 -7.20
C LYS B 88 -17.54 -6.60 -6.28
N LEU B 89 -17.15 -5.70 -5.38
CA LEU B 89 -18.08 -5.06 -4.45
C LEU B 89 -18.31 -3.63 -4.96
N SER B 90 -19.47 -3.40 -5.55
CA SER B 90 -19.76 -2.10 -6.13
C SER B 90 -20.15 -1.09 -5.06
N TYR B 91 -19.78 0.17 -5.28
CA TYR B 91 -20.17 1.21 -4.36
C TYR B 91 -20.16 2.55 -5.08
N GLY B 92 -20.75 3.54 -4.42
CA GLY B 92 -20.79 4.90 -4.91
C GLY B 92 -20.20 5.84 -3.87
N PRO B 93 -20.34 7.14 -4.12
CA PRO B 93 -19.71 8.13 -3.23
C PRO B 93 -20.13 8.05 -1.79
N ASP B 94 -21.32 7.52 -1.47
CA ASP B 94 -21.72 7.50 -0.07
C ASP B 94 -20.94 6.49 0.76
N MET B 95 -20.09 5.67 0.14
CA MET B 95 -19.20 4.76 0.86
C MET B 95 -18.00 5.48 1.47
N ILE B 96 -17.65 6.65 0.94
CA ILE B 96 -16.43 7.36 1.33
C ILE B 96 -16.66 8.05 2.67
N VAL B 97 -15.82 7.72 3.65
CA VAL B 97 -15.78 8.41 4.94
C VAL B 97 -14.34 8.86 5.17
N GLU B 98 -14.10 9.47 6.33
CA GLU B 98 -12.75 9.96 6.57
C GLU B 98 -11.75 8.81 6.56
N TRP B 99 -10.55 9.09 6.07
CA TRP B 99 -9.46 8.11 5.93
C TRP B 99 -9.87 6.90 5.08
N SER B 100 -10.23 7.20 3.83
CA SER B 100 -10.62 6.18 2.86
C SER B 100 -9.79 6.29 1.58
N PRO B 101 -8.45 6.21 1.68
CA PRO B 101 -7.61 6.55 0.51
C PRO B 101 -7.82 5.63 -0.69
N ALA B 102 -7.83 4.31 -0.48
CA ALA B 102 -8.02 3.39 -1.59
C ALA B 102 -9.45 3.44 -2.12
N THR B 103 -10.44 3.47 -1.21
CA THR B 103 -11.83 3.57 -1.64
C THR B 103 -12.03 4.79 -2.54
N GLU B 104 -11.37 5.91 -2.22
CA GLU B 104 -11.47 7.11 -3.05
C GLU B 104 -10.87 6.89 -4.42
N ARG B 105 -9.72 6.22 -4.49
CA ARG B 105 -9.06 6.03 -5.77
C ARG B 105 -9.84 5.11 -6.68
N PHE B 106 -10.53 4.11 -6.10
CA PHE B 106 -11.25 3.13 -6.90
C PHE B 106 -12.69 3.56 -7.19
N LEU B 107 -13.12 4.70 -6.69
CA LEU B 107 -14.52 5.09 -6.79
C LEU B 107 -14.98 5.21 -8.26
N ALA B 108 -14.18 5.87 -9.10
CA ALA B 108 -14.57 6.03 -10.50
C ALA B 108 -14.71 4.67 -11.19
N SER B 109 -13.85 3.71 -10.86
CA SER B 109 -13.97 2.36 -11.42
C SER B 109 -15.22 1.64 -10.97
N GLY B 110 -15.80 2.05 -9.84
CA GLY B 110 -17.09 1.54 -9.42
C GLY B 110 -17.06 0.40 -8.42
N HIS B 111 -15.89 -0.15 -8.10
CA HIS B 111 -15.87 -1.30 -7.20
C HIS B 111 -14.48 -1.49 -6.63
N MET B 112 -14.42 -2.30 -5.57
CA MET B 112 -13.19 -2.89 -5.08
C MET B 112 -13.52 -4.36 -4.92
N THR B 113 -12.56 -5.25 -5.19
CA THR B 113 -12.87 -6.65 -4.91
C THR B 113 -12.82 -6.91 -3.41
N VAL B 114 -13.34 -8.08 -3.03
CA VAL B 114 -13.30 -8.52 -1.64
C VAL B 114 -11.87 -8.43 -1.09
N LEU B 115 -10.91 -9.01 -1.82
CA LEU B 115 -9.53 -9.03 -1.34
C LEU B 115 -8.89 -7.65 -1.41
N GLU B 116 -9.19 -6.86 -2.45
CA GLU B 116 -8.67 -5.50 -2.50
C GLU B 116 -9.13 -4.72 -1.28
N ALA B 117 -10.41 -4.83 -0.93
CA ALA B 117 -10.93 -4.09 0.20
C ALA B 117 -10.32 -4.57 1.51
N ALA B 118 -10.15 -5.90 1.66
CA ALA B 118 -9.58 -6.44 2.89
C ALA B 118 -8.13 -5.99 3.05
N GLN B 119 -7.36 -5.99 1.96
CA GLN B 119 -5.98 -5.58 2.07
C GLN B 119 -5.86 -4.08 2.37
N ALA B 120 -6.76 -3.27 1.81
CA ALA B 120 -6.74 -1.85 2.09
C ALA B 120 -7.13 -1.57 3.53
N ALA B 121 -8.12 -2.32 4.03
CA ALA B 121 -8.51 -2.21 5.44
C ALA B 121 -7.34 -2.55 6.36
N VAL B 122 -6.61 -3.63 6.07
CA VAL B 122 -5.55 -4.05 6.98
C VAL B 122 -4.33 -3.13 6.86
N GLN B 123 -3.93 -2.78 5.64
CA GLN B 123 -2.62 -2.17 5.44
C GLN B 123 -2.64 -0.66 5.36
N LEU B 124 -3.78 -0.06 5.01
CA LEU B 124 -3.94 1.39 4.99
C LEU B 124 -4.90 1.87 6.06
N SER B 125 -5.55 0.94 6.76
CA SER B 125 -6.65 1.27 7.66
C SER B 125 -7.73 2.06 6.93
N ASP B 126 -8.08 1.62 5.72
CA ASP B 126 -9.09 2.32 4.92
C ASP B 126 -10.47 2.12 5.52
N ASN B 127 -11.10 3.20 5.99
CA ASN B 127 -12.41 3.08 6.65
C ASN B 127 -13.51 2.72 5.67
N GLY B 128 -13.50 3.31 4.47
CA GLY B 128 -14.51 2.98 3.49
C GLY B 128 -14.45 1.53 3.07
N ALA B 129 -13.23 0.99 2.90
CA ALA B 129 -13.07 -0.41 2.53
C ALA B 129 -13.56 -1.31 3.64
N THR B 130 -13.32 -0.91 4.89
CA THR B 130 -13.85 -1.62 6.04
C THR B 130 -15.38 -1.64 6.02
N ASN B 131 -15.99 -0.48 5.79
CA ASN B 131 -17.44 -0.42 5.77
C ASN B 131 -18.01 -1.19 4.58
N LEU B 132 -17.26 -1.23 3.48
CA LEU B 132 -17.69 -2.02 2.32
C LEU B 132 -17.78 -3.50 2.68
N LEU B 133 -16.76 -4.00 3.37
CA LEU B 133 -16.79 -5.39 3.84
C LEU B 133 -17.89 -5.62 4.87
N LEU B 134 -18.05 -4.69 5.82
CA LEU B 134 -19.12 -4.85 6.80
C LEU B 134 -20.48 -4.94 6.12
N ARG B 135 -20.69 -4.13 5.07
CA ARG B 135 -21.94 -4.21 4.33
C ARG B 135 -22.16 -5.61 3.78
N GLU B 136 -21.11 -6.24 3.27
CA GLU B 136 -21.26 -7.53 2.63
C GLU B 136 -21.48 -8.65 3.64
N ILE B 137 -20.86 -8.57 4.82
CA ILE B 137 -20.92 -9.71 5.74
C ILE B 137 -22.09 -9.65 6.70
N GLY B 138 -22.83 -8.55 6.74
CA GLY B 138 -23.95 -8.47 7.65
C GLY B 138 -23.70 -7.58 8.85
N GLY B 139 -22.83 -6.59 8.69
CA GLY B 139 -22.66 -5.54 9.67
C GLY B 139 -21.97 -5.98 10.96
N PRO B 140 -21.95 -5.09 11.94
CA PRO B 140 -21.26 -5.37 13.20
C PRO B 140 -21.71 -6.66 13.89
N ALA B 141 -22.98 -7.03 13.76
CA ALA B 141 -23.43 -8.28 14.38
C ALA B 141 -22.67 -9.48 13.83
N ALA B 142 -22.33 -9.45 12.54
CA ALA B 142 -21.61 -10.57 11.95
C ALA B 142 -20.16 -10.62 12.41
N MET B 143 -19.53 -9.45 12.57
CA MET B 143 -18.21 -9.38 13.20
C MET B 143 -18.22 -10.00 14.59
N THR B 144 -19.18 -9.59 15.42
CA THR B 144 -19.23 -10.14 16.76
C THR B 144 -19.46 -11.64 16.73
N GLN B 145 -20.30 -12.12 15.80
CA GLN B 145 -20.55 -13.56 15.69
C GLN B 145 -19.25 -14.31 15.39
N TYR B 146 -18.39 -13.73 14.56
CA TYR B 146 -17.11 -14.36 14.27
C TYR B 146 -16.21 -14.43 15.50
N PHE B 147 -16.11 -13.33 16.26
CA PHE B 147 -15.37 -13.37 17.51
C PHE B 147 -15.82 -14.54 18.37
N ARG B 148 -17.14 -14.69 18.54
CA ARG B 148 -17.67 -15.75 19.39
C ARG B 148 -17.30 -17.12 18.82
N LYS B 149 -17.37 -17.27 17.50
CA LYS B 149 -17.09 -18.55 16.86
C LYS B 149 -15.67 -19.02 17.14
N ILE B 150 -14.70 -18.10 17.16
CA ILE B 150 -13.30 -18.50 17.33
C ILE B 150 -12.91 -18.43 18.80
N GLY B 151 -13.90 -18.42 19.69
CA GLY B 151 -13.65 -18.54 21.11
C GLY B 151 -13.43 -17.25 21.87
N ASP B 152 -13.73 -16.09 21.27
CA ASP B 152 -13.57 -14.79 21.92
C ASP B 152 -14.94 -14.34 22.40
N SER B 153 -15.18 -14.42 23.71
CA SER B 153 -16.48 -14.06 24.28
C SER B 153 -16.54 -12.62 24.72
N VAL B 154 -15.50 -11.83 24.43
CA VAL B 154 -15.30 -10.50 24.99
C VAL B 154 -15.45 -9.43 23.92
N SER B 155 -14.71 -9.57 22.82
CA SER B 155 -14.67 -8.52 21.81
C SER B 155 -16.04 -8.34 21.17
N ARG B 156 -16.40 -7.08 20.91
CA ARG B 156 -17.72 -6.81 20.33
C ARG B 156 -17.61 -5.65 19.37
N LEU B 157 -18.15 -5.81 18.16
CA LEU B 157 -18.30 -4.68 17.26
C LEU B 157 -19.76 -4.28 17.27
N ASP B 158 -20.01 -2.99 17.44
CA ASP B 158 -21.38 -2.47 17.51
C ASP B 158 -21.72 -1.48 16.41
N ARG B 159 -20.72 -0.81 15.84
CA ARG B 159 -20.96 0.26 14.88
C ARG B 159 -19.94 0.16 13.75
N LYS B 160 -20.26 0.85 12.65
CA LYS B 160 -19.35 0.97 11.52
C LYS B 160 -18.36 2.13 11.74
N GLU B 161 -17.49 2.35 10.75
CA GLU B 161 -16.49 3.41 10.81
C GLU B 161 -17.08 4.72 10.31
N PRO B 162 -16.66 5.87 10.88
CA PRO B 162 -15.68 6.03 11.96
C PRO B 162 -16.31 6.11 13.35
N GLU B 163 -17.63 6.06 13.47
CA GLU B 163 -18.24 6.31 14.77
C GLU B 163 -17.91 5.23 15.80
N MET B 164 -17.59 4.02 15.38
CA MET B 164 -17.19 3.01 16.34
C MET B 164 -15.94 3.41 17.13
N SER B 165 -15.22 4.46 16.71
CA SER B 165 -13.99 4.89 17.37
C SER B 165 -14.18 6.10 18.27
N ASP B 166 -15.42 6.47 18.58
CA ASP B 166 -15.67 7.66 19.39
CA ASP B 166 -15.63 7.67 19.38
C ASP B 166 -15.11 7.52 20.80
N ASN B 167 -14.97 6.29 21.30
CA ASN B 167 -14.22 6.01 22.54
C ASN B 167 -14.67 6.87 23.71
N THR B 168 -15.97 6.91 23.95
CA THR B 168 -16.49 7.59 25.12
C THR B 168 -16.09 6.80 26.37
N PRO B 169 -15.48 7.43 27.37
CA PRO B 169 -15.07 6.67 28.57
C PRO B 169 -16.24 5.89 29.18
N GLY B 170 -15.99 4.60 29.46
CA GLY B 170 -16.99 3.73 30.05
C GLY B 170 -17.99 3.12 29.09
N ASP B 171 -18.05 3.59 27.84
CA ASP B 171 -18.92 3.01 26.83
C ASP B 171 -18.39 1.63 26.46
N LEU B 172 -19.21 0.60 26.60
CA LEU B 172 -18.73 -0.74 26.32
C LEU B 172 -18.85 -1.14 24.86
N ARG B 173 -19.51 -0.33 24.03
CA ARG B 173 -19.59 -0.64 22.61
C ARG B 173 -18.21 -0.65 21.98
N ASP B 174 -17.99 -1.58 21.04
CA ASP B 174 -16.81 -1.55 20.18
C ASP B 174 -15.51 -1.73 20.98
N THR B 175 -15.57 -2.56 22.01
CA THR B 175 -14.44 -2.79 22.91
C THR B 175 -13.92 -4.22 22.85
N THR B 176 -12.71 -4.37 23.37
CA THR B 176 -12.09 -5.65 23.63
C THR B 176 -11.31 -5.52 24.93
N THR B 177 -10.64 -6.59 25.34
CA THR B 177 -9.61 -6.49 26.36
C THR B 177 -8.29 -6.95 25.75
N PRO B 178 -7.16 -6.52 26.33
CA PRO B 178 -5.88 -6.97 25.75
C PRO B 178 -5.74 -8.49 25.71
N ILE B 179 -6.15 -9.21 26.76
CA ILE B 179 -5.98 -10.67 26.72
C ILE B 179 -6.94 -11.30 25.73
N ALA B 180 -8.18 -10.81 25.64
CA ALA B 180 -9.08 -11.36 24.63
C ALA B 180 -8.53 -11.15 23.23
N MET B 181 -8.01 -9.96 22.95
CA MET B 181 -7.59 -9.73 21.57
C MET B 181 -6.27 -10.42 21.26
N ALA B 182 -5.35 -10.48 22.22
CA ALA B 182 -4.12 -11.24 22.00
C ALA B 182 -4.41 -12.71 21.70
N ARG B 183 -5.39 -13.29 22.41
CA ARG B 183 -5.75 -14.68 22.15
C ARG B 183 -6.45 -14.84 20.81
N THR B 184 -7.19 -13.81 20.38
CA THR B 184 -7.80 -13.86 19.06
C THR B 184 -6.74 -13.78 17.96
N VAL B 185 -5.72 -12.95 18.17
CA VAL B 185 -4.62 -12.89 17.22
C VAL B 185 -3.93 -14.25 17.14
N ALA B 186 -3.65 -14.86 18.30
CA ALA B 186 -3.00 -16.17 18.29
C ALA B 186 -3.87 -17.23 17.60
N LYS B 187 -5.18 -17.17 17.80
CA LYS B 187 -6.05 -18.16 17.17
C LYS B 187 -5.99 -18.05 15.66
N VAL B 188 -5.98 -16.81 15.14
CA VAL B 188 -5.95 -16.58 13.70
C VAL B 188 -4.61 -16.98 13.10
N LEU B 189 -3.50 -16.67 13.79
CA LEU B 189 -2.17 -16.87 13.22
C LEU B 189 -1.58 -18.24 13.52
N TYR B 190 -1.95 -18.85 14.64
CA TYR B 190 -1.31 -20.06 15.13
C TYR B 190 -2.30 -21.15 15.50
N GLY B 191 -3.58 -20.82 15.69
CA GLY B 191 -4.54 -21.74 16.25
C GLY B 191 -5.43 -22.44 15.23
N GLY B 192 -5.09 -22.39 13.94
CA GLY B 192 -5.81 -23.14 12.93
C GLY B 192 -7.10 -22.53 12.44
N ALA B 193 -7.36 -21.25 12.72
CA ALA B 193 -8.58 -20.62 12.27
C ALA B 193 -8.65 -20.52 10.75
N LEU B 194 -7.49 -20.43 10.08
CA LEU B 194 -7.41 -20.26 8.63
C LEU B 194 -6.55 -21.36 8.03
N THR B 195 -6.73 -21.59 6.73
CA THR B 195 -5.88 -22.55 6.04
C THR B 195 -4.44 -22.07 6.06
N SER B 196 -3.52 -22.99 5.77
CA SER B 196 -2.10 -22.61 5.75
C SER B 196 -1.85 -21.44 4.82
N THR B 197 -2.44 -21.48 3.61
CA THR B 197 -2.23 -20.41 2.63
CA THR B 197 -2.19 -20.41 2.65
C THR B 197 -2.82 -19.09 3.10
N SER B 198 -4.05 -19.13 3.64
CA SER B 198 -4.68 -17.90 4.10
C SER B 198 -3.94 -17.33 5.31
N THR B 199 -3.45 -18.21 6.19
CA THR B 199 -2.68 -17.75 7.34
C THR B 199 -1.40 -17.04 6.90
N HIS B 200 -0.67 -17.64 5.95
CA HIS B 200 0.55 -17.00 5.50
C HIS B 200 0.25 -15.66 4.86
N THR B 201 -0.82 -15.59 4.07
CA THR B 201 -1.16 -14.33 3.41
C THR B 201 -1.46 -13.24 4.44
N ILE B 202 -2.25 -13.56 5.46
CA ILE B 202 -2.61 -12.50 6.40
C ILE B 202 -1.40 -12.12 7.24
N GLU B 203 -0.48 -13.06 7.49
CA GLU B 203 0.77 -12.70 8.16
C GLU B 203 1.57 -11.71 7.32
N ARG B 204 1.70 -11.96 6.02
CA ARG B 204 2.41 -11.03 5.15
C ARG B 204 1.73 -9.67 5.10
N TRP B 205 0.39 -9.63 5.11
CA TRP B 205 -0.29 -8.34 5.13
C TRP B 205 0.07 -7.55 6.39
N LEU B 206 0.14 -8.23 7.54
CA LEU B 206 0.50 -7.56 8.78
C LEU B 206 1.94 -7.04 8.74
N ILE B 207 2.88 -7.84 8.21
CA ILE B 207 4.26 -7.38 8.08
C ILE B 207 4.34 -6.14 7.17
N GLY B 208 3.60 -6.16 6.06
CA GLY B 208 3.62 -5.09 5.08
C GLY B 208 2.72 -3.92 5.40
N ASN B 209 2.07 -3.92 6.58
CA ASN B 209 1.24 -2.80 6.99
C ASN B 209 1.98 -1.47 6.80
N GLN B 210 1.27 -0.47 6.30
CA GLN B 210 1.90 0.81 6.01
C GLN B 210 1.76 1.83 7.14
N THR B 211 1.00 1.52 8.20
CA THR B 211 0.62 2.51 9.19
C THR B 211 1.35 2.37 10.51
N GLY B 212 2.20 1.36 10.67
CA GLY B 212 2.79 1.05 11.95
C GLY B 212 4.25 1.38 12.12
N ASP B 213 4.85 2.18 11.23
CA ASP B 213 6.29 2.39 11.30
C ASP B 213 6.73 3.09 12.56
N ALA B 214 5.84 3.85 13.21
CA ALA B 214 6.23 4.65 14.38
C ALA B 214 5.71 4.08 15.70
N THR B 215 5.02 2.95 15.68
CA THR B 215 4.40 2.40 16.89
C THR B 215 5.20 1.19 17.36
N LEU B 216 4.58 0.03 17.63
CA LEU B 216 5.30 -1.07 18.30
C LEU B 216 6.59 -1.45 17.59
N ARG B 217 6.54 -1.61 16.26
CA ARG B 217 7.72 -2.13 15.57
C ARG B 217 8.89 -1.16 15.64
N ALA B 218 8.63 0.12 15.96
CA ALA B 218 9.72 1.07 16.20
C ALA B 218 10.41 0.83 17.54
N GLY B 219 9.79 0.07 18.44
CA GLY B 219 10.40 -0.25 19.72
C GLY B 219 10.98 -1.65 19.81
N PHE B 220 10.72 -2.49 18.80
CA PHE B 220 11.28 -3.84 18.78
C PHE B 220 12.63 -3.85 18.07
N PRO B 221 13.49 -4.82 18.39
CA PRO B 221 14.76 -4.96 17.65
C PRO B 221 14.52 -5.18 16.17
N LYS B 222 15.47 -4.70 15.37
CA LYS B 222 15.33 -4.74 13.91
C LYS B 222 15.37 -6.14 13.34
N ASP B 223 15.88 -7.12 14.08
CA ASP B 223 15.94 -8.47 13.54
C ASP B 223 14.71 -9.29 13.91
N TRP B 224 13.81 -8.73 14.71
CA TRP B 224 12.55 -9.42 15.00
C TRP B 224 11.63 -9.35 13.79
N VAL B 225 10.94 -10.44 13.50
CA VAL B 225 9.90 -10.40 12.47
C VAL B 225 8.61 -9.96 13.15
N VAL B 226 8.04 -8.85 12.68
CA VAL B 226 6.91 -8.19 13.32
C VAL B 226 5.85 -7.85 12.29
N GLY B 227 4.60 -8.12 12.63
CA GLY B 227 3.50 -7.62 11.82
C GLY B 227 2.42 -7.13 12.74
N GLU B 228 1.71 -6.06 12.38
CA GLU B 228 0.73 -5.52 13.32
C GLU B 228 -0.30 -4.67 12.59
N LYS B 229 -1.38 -4.38 13.32
CA LYS B 229 -2.46 -3.50 12.88
C LYS B 229 -2.64 -2.41 13.93
N THR B 230 -2.56 -1.15 13.50
CA THR B 230 -2.66 0.00 14.37
C THR B 230 -4.12 0.43 14.56
N GLY B 231 -4.32 1.27 15.56
CA GLY B 231 -5.55 2.05 15.64
C GLY B 231 -5.31 3.37 16.32
N THR B 232 -6.16 4.34 15.99
CA THR B 232 -6.20 5.64 16.64
C THR B 232 -7.65 5.97 16.94
N CYS B 233 -7.94 6.29 18.19
CA CYS B 233 -9.28 6.61 18.68
C CYS B 233 -9.37 8.05 19.12
N ALA B 234 -10.59 8.57 19.11
CA ALA B 234 -10.87 9.80 19.81
C ALA B 234 -10.53 9.65 21.30
N ASN B 235 -10.34 10.79 21.97
CA ASN B 235 -10.08 10.82 23.40
C ASN B 235 -8.77 10.12 23.76
N GLY B 236 -7.82 10.14 22.84
CA GLY B 236 -6.46 9.73 23.15
C GLY B 236 -6.14 8.26 23.00
N GLY B 237 -6.93 7.49 22.25
CA GLY B 237 -6.63 6.07 22.09
C GLY B 237 -5.58 5.82 21.01
N ARG B 238 -4.62 4.95 21.32
CA ARG B 238 -3.59 4.57 20.36
C ARG B 238 -3.23 3.11 20.61
N ASN B 239 -3.45 2.26 19.60
CA ASN B 239 -3.41 0.81 19.77
C ASN B 239 -2.56 0.16 18.68
N ASP B 240 -2.08 -1.05 18.96
CA ASP B 240 -1.28 -1.82 18.01
C ASP B 240 -1.37 -3.28 18.43
N ILE B 241 -1.82 -4.15 17.52
CA ILE B 241 -1.99 -5.57 17.82
C ILE B 241 -1.33 -6.36 16.71
N GLY B 242 -0.77 -7.51 17.06
CA GLY B 242 -0.16 -8.32 16.03
C GLY B 242 0.70 -9.44 16.58
N PHE B 243 1.85 -9.67 15.95
CA PHE B 243 2.71 -10.78 16.35
C PHE B 243 4.15 -10.35 16.24
N PHE B 244 5.01 -11.06 16.94
CA PHE B 244 6.44 -10.93 16.72
C PHE B 244 7.11 -12.28 16.90
N LYS B 245 8.19 -12.47 16.16
CA LYS B 245 9.02 -13.66 16.22
C LYS B 245 10.39 -13.24 16.70
N ALA B 246 10.73 -13.61 17.92
N ALA B 246 10.80 -13.75 17.86
CA ALA B 246 12.07 -13.36 18.44
CA ALA B 246 12.01 -13.34 18.55
C ALA B 246 12.86 -14.61 18.09
C ALA B 246 12.70 -14.54 19.18
N GLN B 247 13.46 -14.59 16.89
N GLN B 247 14.00 -14.66 18.95
CA GLN B 247 14.27 -15.69 16.42
CA GLN B 247 14.82 -15.73 19.54
C GLN B 247 13.42 -16.95 16.33
C GLN B 247 14.21 -17.11 19.26
N GLU B 248 13.58 -17.81 17.33
N GLU B 248 13.78 -17.31 18.01
CA GLU B 248 12.92 -19.10 17.34
CA GLU B 248 13.23 -18.60 17.57
C GLU B 248 11.49 -19.03 17.87
C GLU B 248 12.01 -19.00 18.40
N ARG B 249 11.15 -18.02 18.67
CA ARG B 249 9.90 -18.11 19.43
C ARG B 249 8.88 -17.13 18.88
N ASP B 250 7.65 -17.60 18.73
CA ASP B 250 6.55 -16.81 18.18
C ASP B 250 5.63 -16.32 19.30
N TYR B 251 5.13 -15.10 19.15
CA TYR B 251 4.27 -14.48 20.15
C TYR B 251 3.16 -13.70 19.48
N ALA B 252 2.00 -13.64 20.12
CA ALA B 252 0.94 -12.71 19.75
C ALA B 252 0.84 -11.62 20.80
N VAL B 253 0.56 -10.39 20.37
CA VAL B 253 0.56 -9.27 21.29
C VAL B 253 -0.60 -8.33 20.97
N ALA B 254 -1.19 -7.77 22.01
CA ALA B 254 -2.16 -6.70 21.86
C ALA B 254 -1.79 -5.57 22.82
N VAL B 255 -1.69 -4.35 22.28
CA VAL B 255 -1.39 -3.17 23.08
C VAL B 255 -2.48 -2.14 22.84
N TYR B 256 -3.09 -1.68 23.92
CA TYR B 256 -4.13 -0.66 23.89
C TYR B 256 -3.71 0.43 24.86
N THR B 257 -3.69 1.70 24.41
CA THR B 257 -3.31 2.79 25.30
C THR B 257 -4.33 3.93 25.20
N THR B 258 -4.43 4.68 26.29
CA THR B 258 -5.28 5.86 26.39
C THR B 258 -4.46 6.95 27.04
N ALA B 259 -4.24 8.05 26.33
CA ALA B 259 -3.43 9.16 26.82
C ALA B 259 -4.04 10.47 26.32
N PRO B 260 -5.07 10.96 27.00
CA PRO B 260 -5.84 12.10 26.45
C PRO B 260 -5.03 13.39 26.28
N LYS B 261 -3.96 13.61 27.06
CA LYS B 261 -3.25 14.88 26.99
C LYS B 261 -1.99 14.84 26.14
N LEU B 262 -1.57 13.67 25.65
CA LEU B 262 -0.43 13.60 24.76
C LEU B 262 -0.78 14.08 23.36
N SER B 263 0.22 14.58 22.64
CA SER B 263 0.06 14.86 21.22
C SER B 263 0.01 13.55 20.44
N ALA B 264 -0.41 13.64 19.17
CA ALA B 264 -0.47 12.44 18.34
C ALA B 264 0.92 11.81 18.17
N VAL B 265 1.94 12.64 17.95
CA VAL B 265 3.30 12.09 17.84
C VAL B 265 3.73 11.46 19.16
N GLU B 266 3.34 12.08 20.28
CA GLU B 266 3.70 11.55 21.59
C GLU B 266 3.02 10.22 21.86
N ARG B 267 1.81 10.01 21.31
CA ARG B 267 1.15 8.72 21.47
C ARG B 267 1.87 7.63 20.67
N ASP B 268 2.35 7.96 19.46
CA ASP B 268 3.21 7.03 18.73
C ASP B 268 4.43 6.64 19.55
N GLU B 269 5.10 7.63 20.14
CA GLU B 269 6.28 7.35 20.97
C GLU B 269 5.91 6.50 22.17
N LEU B 270 4.72 6.75 22.76
CA LEU B 270 4.26 5.93 23.88
C LEU B 270 4.19 4.46 23.50
N VAL B 271 3.57 4.15 22.36
CA VAL B 271 3.44 2.75 21.96
C VAL B 271 4.80 2.17 21.61
N ALA B 272 5.67 2.94 20.96
CA ALA B 272 7.03 2.49 20.70
C ALA B 272 7.76 2.19 22.01
N SER B 273 7.59 3.04 23.03
CA SER B 273 8.18 2.78 24.34
C SER B 273 7.65 1.48 24.96
N VAL B 274 6.35 1.21 24.81
CA VAL B 274 5.82 -0.07 25.25
C VAL B 274 6.54 -1.21 24.52
N GLY B 275 6.80 -1.04 23.23
CA GLY B 275 7.56 -2.02 22.49
C GLY B 275 8.94 -2.27 23.08
N GLN B 276 9.62 -1.21 23.54
CA GLN B 276 10.91 -1.43 24.18
C GLN B 276 10.78 -2.14 25.51
N VAL B 277 9.72 -1.84 26.30
CA VAL B 277 9.51 -2.55 27.55
C VAL B 277 9.23 -4.02 27.30
N ILE B 278 8.44 -4.32 26.24
CA ILE B 278 8.22 -5.71 25.85
C ILE B 278 9.52 -6.37 25.46
N THR B 279 10.35 -5.66 24.69
CA THR B 279 11.64 -6.20 24.27
C THR B 279 12.47 -6.60 25.49
N GLN B 280 12.56 -5.71 26.49
CA GLN B 280 13.36 -6.02 27.66
C GLN B 280 12.83 -7.25 28.38
N LEU B 281 11.51 -7.42 28.43
CA LEU B 281 10.93 -8.60 29.04
C LEU B 281 11.31 -9.87 28.28
N ILE B 282 11.12 -9.86 26.96
CA ILE B 282 11.33 -11.07 26.16
C ILE B 282 12.78 -11.50 26.20
N LEU B 283 13.70 -10.54 26.10
CA LEU B 283 15.12 -10.87 26.15
C LEU B 283 15.57 -11.31 27.55
N SER B 284 14.74 -11.09 28.57
CA SER B 284 15.01 -11.59 29.91
C SER B 284 14.36 -12.93 30.20
N THR B 285 13.39 -13.35 29.39
CA THR B 285 12.63 -14.57 29.66
C THR B 285 13.47 -15.81 29.40
#